data_7P8Z
#
_entry.id   7P8Z
#
_cell.length_a   89.555
_cell.length_b   67.384
_cell.length_c   77.789
_cell.angle_alpha   90.000
_cell.angle_beta   90.000
_cell.angle_gamma   90.000
#
_symmetry.space_group_name_H-M   'P 21 21 2'
#
loop_
_entity.id
_entity.type
_entity.pdbx_description
1 polymer Wilavidin
2 non-polymer BIOTIN
3 non-polymer 'TETRAETHYLENE GLYCOL'
4 non-polymer 'TRIETHYLENE GLYCOL'
5 non-polymer 1,2-ETHANEDIOL
6 non-polymer DI(HYDROXYETHYL)ETHER
7 non-polymer 3,6,9,12,15,18-HEXAOXAICOSANE-1,20-DIOL
8 non-polymer 'SODIUM ION'
9 water water
#
_entity_poly.entity_id   1
_entity_poly.type   'polypeptide(L)'
_entity_poly.pdbx_seq_one_letter_code
;MAKDATQGGVQALSAWTNQSGSTLYIQSVDPSGSLSGYYINRAAGYGCQNTPYPVTGWVYGTAITFTVLWENATESCNSI
TAWTGFYYQGQITTLWQLVINGSTSTGQIISGEDIFKPS
;
_entity_poly.pdbx_strand_id   A,B,C,D
#
loop_
_chem_comp.id
_chem_comp.type
_chem_comp.name
_chem_comp.formula
BTN non-polymer BIOTIN 'C10 H16 N2 O3 S'
EDO non-polymer 1,2-ETHANEDIOL 'C2 H6 O2'
NA non-polymer 'SODIUM ION' 'Na 1'
P33 non-polymer 3,6,9,12,15,18-HEXAOXAICOSANE-1,20-DIOL 'C14 H30 O8'
PEG non-polymer DI(HYDROXYETHYL)ETHER 'C4 H10 O3'
PG4 non-polymer 'TETRAETHYLENE GLYCOL' 'C8 H18 O5'
PGE non-polymer 'TRIETHYLENE GLYCOL' 'C6 H14 O4'
#
# COMPACT_ATOMS: atom_id res chain seq x y z
N LEU A 13 -2.94 15.32 -6.08
CA LEU A 13 -3.29 16.66 -6.66
C LEU A 13 -4.47 16.57 -7.65
N SER A 14 -5.07 15.39 -7.88
CA SER A 14 -6.21 15.19 -8.81
C SER A 14 -7.04 13.96 -8.41
N ALA A 15 -8.24 14.17 -7.86
CA ALA A 15 -9.06 13.08 -7.27
C ALA A 15 -10.36 13.00 -8.03
N TRP A 16 -10.82 11.77 -8.28
CA TRP A 16 -12.03 11.51 -9.08
C TRP A 16 -12.87 10.47 -8.36
N THR A 17 -14.15 10.73 -8.14
CA THR A 17 -15.03 9.82 -7.36
C THR A 17 -16.11 9.32 -8.30
N ASN A 18 -16.38 8.02 -8.26
CA ASN A 18 -17.38 7.43 -9.16
C ASN A 18 -18.74 7.40 -8.45
N GLN A 19 -19.71 6.87 -9.20
CA GLN A 19 -21.13 6.72 -8.80
C GLN A 19 -21.27 5.83 -7.54
N SER A 20 -20.30 4.95 -7.29
CA SER A 20 -20.25 4.02 -6.14
C SER A 20 -19.55 4.66 -4.93
N GLY A 21 -18.98 5.87 -5.08
CA GLY A 21 -18.27 6.59 -4.00
C GLY A 21 -16.77 6.23 -3.94
N SER A 22 -16.26 5.41 -4.87
CA SER A 22 -14.82 5.06 -4.91
C SER A 22 -14.05 6.25 -5.48
N THR A 23 -12.80 6.39 -5.08
CA THR A 23 -12.01 7.57 -5.48
C THR A 23 -10.67 7.12 -6.07
N LEU A 24 -10.38 7.64 -7.26
CA LEU A 24 -9.06 7.57 -7.93
C LEU A 24 -8.28 8.83 -7.56
N TYR A 25 -7.16 8.66 -6.87
CA TYR A 25 -6.23 9.75 -6.52
C TYR A 25 -5.06 9.74 -7.48
N ILE A 26 -5.06 10.60 -8.49
CA ILE A 26 -3.89 10.68 -9.43
C ILE A 26 -2.86 11.57 -8.73
N GLN A 27 -1.74 10.97 -8.34
CA GLN A 27 -0.61 11.66 -7.68
C GLN A 27 0.31 12.27 -8.73
N SER A 28 0.44 11.69 -9.93
CA SER A 28 1.26 12.29 -11.01
C SER A 28 0.96 11.66 -12.38
N VAL A 29 1.06 12.49 -13.43
CA VAL A 29 1.17 12.06 -14.86
C VAL A 29 2.49 12.64 -15.36
N ASP A 30 3.45 11.77 -15.70
CA ASP A 30 4.77 12.10 -16.31
C ASP A 30 4.55 12.77 -17.67
N PRO A 31 5.55 13.46 -18.26
CA PRO A 31 5.43 13.96 -19.63
C PRO A 31 5.21 12.84 -20.68
N SER A 32 5.60 11.61 -20.32
CA SER A 32 5.47 10.37 -21.12
C SER A 32 3.98 9.96 -21.19
N GLY A 33 3.14 10.54 -20.31
CA GLY A 33 1.73 10.18 -20.10
C GLY A 33 1.57 9.07 -19.04
N SER A 34 2.64 8.67 -18.33
CA SER A 34 2.58 7.59 -17.32
C SER A 34 1.87 8.09 -16.07
N LEU A 35 0.81 7.40 -15.65
CA LEU A 35 -0.03 7.80 -14.49
C LEU A 35 0.39 6.94 -13.29
N SER A 36 0.43 7.58 -12.13
CA SER A 36 0.73 6.93 -10.84
C SER A 36 -0.22 7.51 -9.78
N GLY A 37 -0.68 6.68 -8.89
CA GLY A 37 -1.51 7.15 -7.78
C GLY A 37 -2.05 6.00 -6.98
N TYR A 38 -3.23 6.21 -6.41
CA TYR A 38 -3.88 5.22 -5.56
C TYR A 38 -5.37 5.37 -5.68
N TYR A 39 -6.07 4.37 -5.14
CA TYR A 39 -7.51 4.17 -5.38
C TYR A 39 -8.08 3.67 -4.06
N ILE A 40 -9.17 4.28 -3.64
CA ILE A 40 -9.93 3.83 -2.46
C ILE A 40 -11.29 3.37 -2.94
N ASN A 41 -11.51 2.06 -2.85
CA ASN A 41 -12.76 1.40 -3.26
C ASN A 41 -13.84 1.58 -2.17
N ARG A 42 -15.02 2.08 -2.53
CA ARG A 42 -16.14 2.23 -1.57
C ARG A 42 -17.41 1.61 -2.18
N ALA A 43 -17.19 0.67 -3.09
CA ALA A 43 -18.30 0.02 -3.85
C ALA A 43 -18.90 -1.09 -2.98
N ALA A 44 -20.17 -0.93 -2.60
CA ALA A 44 -20.94 -1.89 -1.77
C ALA A 44 -20.81 -3.28 -2.42
N GLY A 45 -20.58 -4.29 -1.60
CA GLY A 45 -20.55 -5.71 -2.00
C GLY A 45 -19.14 -6.21 -2.36
N TYR A 46 -18.20 -5.30 -2.58
CA TYR A 46 -16.82 -5.70 -2.97
C TYR A 46 -15.97 -5.73 -1.73
N GLY A 47 -14.84 -6.40 -1.85
CA GLY A 47 -13.86 -6.39 -0.77
C GLY A 47 -12.96 -5.16 -0.93
N CYS A 48 -11.93 -5.11 -0.12
CA CYS A 48 -10.85 -4.14 -0.25
C CYS A 48 -11.49 -2.76 -0.34
N GLN A 49 -12.28 -2.45 0.65
CA GLN A 49 -12.93 -1.13 0.93
CA GLN A 49 -12.82 -1.07 0.78
C GLN A 49 -12.02 -0.22 1.77
N ASN A 50 -12.09 1.09 1.56
CA ASN A 50 -11.67 2.15 2.52
C ASN A 50 -10.16 2.27 2.69
N THR A 51 -9.34 1.54 1.92
CA THR A 51 -7.87 1.64 2.07
C THR A 51 -7.22 1.81 0.72
N PRO A 52 -6.08 2.52 0.64
CA PRO A 52 -5.52 2.87 -0.67
C PRO A 52 -4.84 1.67 -1.36
N TYR A 53 -5.19 1.46 -2.62
CA TYR A 53 -4.50 0.46 -3.47
C TYR A 53 -3.77 1.17 -4.59
N PRO A 54 -2.68 0.57 -5.09
CA PRO A 54 -1.85 1.27 -6.08
C PRO A 54 -2.44 1.28 -7.50
N VAL A 55 -2.15 2.38 -8.19
CA VAL A 55 -2.65 2.64 -9.55
C VAL A 55 -1.46 2.88 -10.48
N THR A 56 -1.52 2.28 -11.67
CA THR A 56 -0.66 2.63 -12.80
C THR A 56 -1.54 2.83 -14.01
N GLY A 57 -1.07 3.56 -15.01
CA GLY A 57 -1.80 3.67 -16.26
C GLY A 57 -1.19 4.67 -17.19
N TRP A 58 -1.99 5.14 -18.13
CA TRP A 58 -1.57 6.04 -19.23
C TRP A 58 -2.64 7.08 -19.42
N VAL A 59 -2.20 8.26 -19.72
CA VAL A 59 -3.10 9.30 -20.26
C VAL A 59 -2.57 9.67 -21.63
N TYR A 60 -3.48 9.84 -22.57
CA TYR A 60 -3.19 10.26 -23.96
C TYR A 60 -4.29 11.21 -24.41
N GLY A 61 -4.03 12.51 -24.39
CA GLY A 61 -5.12 13.45 -24.62
C GLY A 61 -6.24 13.22 -23.61
N THR A 62 -7.45 12.93 -24.08
CA THR A 62 -8.61 12.74 -23.19
C THR A 62 -8.76 11.26 -22.85
N ALA A 63 -8.00 10.39 -23.54
CA ALA A 63 -8.02 8.95 -23.27
C ALA A 63 -7.25 8.61 -22.01
N ILE A 64 -7.72 7.63 -21.28
CA ILE A 64 -7.07 7.22 -20.02
C ILE A 64 -7.31 5.73 -19.82
N THR A 65 -6.26 5.06 -19.38
CA THR A 65 -6.35 3.71 -18.77
C THR A 65 -5.72 3.76 -17.40
N PHE A 66 -6.27 2.99 -16.49
CA PHE A 66 -5.63 2.81 -15.17
C PHE A 66 -6.03 1.45 -14.64
N THR A 67 -5.18 0.93 -13.79
CA THR A 67 -5.37 -0.43 -13.28
C THR A 67 -4.88 -0.45 -11.84
N VAL A 68 -5.66 -1.12 -11.00
CA VAL A 68 -5.45 -1.21 -9.53
C VAL A 68 -5.20 -2.67 -9.22
N LEU A 69 -4.16 -2.90 -8.42
CA LEU A 69 -3.82 -4.21 -7.83
C LEU A 69 -4.53 -4.25 -6.47
N TRP A 70 -5.41 -5.21 -6.21
CA TRP A 70 -6.18 -5.26 -4.93
C TRP A 70 -5.38 -6.02 -3.88
N GLU A 71 -4.19 -5.51 -3.62
CA GLU A 71 -3.28 -6.01 -2.59
C GLU A 71 -2.74 -4.78 -1.90
N ASN A 72 -2.84 -4.76 -0.58
CA ASN A 72 -2.04 -3.84 0.25
C ASN A 72 -1.82 -4.46 1.63
N ALA A 73 -1.20 -3.72 2.55
CA ALA A 73 -0.84 -4.31 3.86
C ALA A 73 -2.10 -4.51 4.73
N THR A 74 -3.21 -3.93 4.36
CA THR A 74 -4.45 -3.88 5.16
C THR A 74 -5.32 -5.05 4.73
N GLU A 75 -5.59 -5.21 3.45
CA GLU A 75 -6.49 -6.28 2.96
C GLU A 75 -6.10 -6.61 1.54
N SER A 76 -6.28 -7.87 1.17
CA SER A 76 -5.96 -8.37 -0.20
C SER A 76 -7.17 -9.08 -0.76
N CYS A 77 -7.43 -8.87 -2.05
CA CYS A 77 -8.57 -9.57 -2.71
C CYS A 77 -8.11 -10.37 -3.94
N ASN A 78 -6.79 -10.62 -4.14
CA ASN A 78 -6.37 -11.65 -5.13
C ASN A 78 -6.93 -11.33 -6.50
N SER A 79 -6.95 -10.04 -6.84
CA SER A 79 -7.62 -9.62 -8.10
C SER A 79 -6.93 -8.37 -8.64
N ILE A 80 -7.31 -8.00 -9.83
CA ILE A 80 -6.81 -6.76 -10.49
C ILE A 80 -7.96 -6.15 -11.28
N THR A 81 -8.08 -4.83 -11.27
CA THR A 81 -9.07 -4.18 -12.15
C THR A 81 -8.31 -3.27 -13.11
N ALA A 82 -8.79 -3.28 -14.37
CA ALA A 82 -8.35 -2.33 -15.42
C ALA A 82 -9.52 -1.55 -15.94
N TRP A 83 -9.38 -0.24 -15.87
CA TRP A 83 -10.35 0.72 -16.44
C TRP A 83 -9.83 1.31 -17.75
N THR A 84 -10.70 1.44 -18.72
CA THR A 84 -10.44 2.09 -20.01
C THR A 84 -11.49 3.18 -20.24
N GLY A 85 -11.11 4.39 -20.50
CA GLY A 85 -12.13 5.41 -20.71
C GLY A 85 -11.59 6.73 -21.20
N PHE A 86 -12.39 7.75 -21.03
CA PHE A 86 -12.09 9.05 -21.64
C PHE A 86 -12.67 10.14 -20.73
N TYR A 87 -12.01 11.28 -20.79
CA TYR A 87 -12.51 12.50 -20.15
C TYR A 87 -13.42 13.20 -21.15
N TYR A 88 -14.61 13.59 -20.68
CA TYR A 88 -15.61 14.27 -21.54
C TYR A 88 -16.59 15.00 -20.65
N GLN A 89 -16.79 16.27 -20.96
CA GLN A 89 -17.79 17.16 -20.28
C GLN A 89 -17.62 17.00 -18.78
N GLY A 90 -16.36 17.13 -18.36
CA GLY A 90 -16.02 17.29 -16.95
C GLY A 90 -16.05 16.00 -16.16
N GLN A 91 -16.19 14.85 -16.82
CA GLN A 91 -16.20 13.55 -16.09
C GLN A 91 -15.35 12.53 -16.85
N ILE A 92 -14.92 11.51 -16.14
CA ILE A 92 -14.21 10.38 -16.80
C ILE A 92 -15.19 9.19 -16.91
N THR A 93 -15.50 8.75 -18.13
CA THR A 93 -16.41 7.62 -18.43
C THR A 93 -15.52 6.42 -18.75
N THR A 94 -15.83 5.30 -18.11
CA THR A 94 -14.92 4.14 -18.09
C THR A 94 -15.71 2.88 -18.19
N LEU A 95 -15.13 1.92 -18.90
CA LEU A 95 -15.47 0.49 -18.79
C LEU A 95 -14.34 -0.16 -18.00
N TRP A 96 -14.69 -1.09 -17.12
CA TRP A 96 -13.66 -1.82 -16.35
C TRP A 96 -13.84 -3.31 -16.48
N GLN A 97 -12.73 -4.05 -16.26
CA GLN A 97 -12.62 -5.52 -16.23
C GLN A 97 -11.80 -5.92 -14.98
N LEU A 98 -12.34 -6.85 -14.22
CA LEU A 98 -11.79 -7.34 -12.95
C LEU A 98 -11.43 -8.80 -13.14
N VAL A 99 -10.17 -9.15 -12.97
CA VAL A 99 -9.76 -10.57 -13.09
C VAL A 99 -9.24 -11.02 -11.71
N ILE A 100 -9.44 -12.27 -11.36
CA ILE A 100 -9.03 -12.88 -10.06
C ILE A 100 -7.89 -13.85 -10.36
N ASN A 101 -6.87 -13.76 -9.52
CA ASN A 101 -5.81 -14.78 -9.43
C ASN A 101 -6.47 -16.15 -9.54
N GLY A 102 -5.84 -17.04 -10.36
CA GLY A 102 -6.14 -18.47 -10.48
C GLY A 102 -7.26 -18.74 -11.45
N SER A 103 -7.80 -17.69 -12.09
CA SER A 103 -8.88 -17.83 -13.10
C SER A 103 -8.49 -18.83 -14.18
N THR A 104 -9.50 -19.54 -14.70
CA THR A 104 -9.25 -20.49 -15.79
C THR A 104 -10.11 -20.21 -17.02
N SER A 105 -10.94 -19.18 -16.99
CA SER A 105 -11.96 -18.91 -18.02
C SER A 105 -12.18 -17.41 -18.04
N THR A 106 -12.35 -16.86 -19.25
CA THR A 106 -12.75 -15.45 -19.46
C THR A 106 -14.14 -15.26 -18.86
N GLY A 107 -14.87 -16.35 -18.73
CA GLY A 107 -16.19 -16.27 -18.07
C GLY A 107 -16.10 -15.72 -16.64
N GLN A 108 -14.96 -15.81 -15.95
CA GLN A 108 -14.83 -15.44 -14.50
C GLN A 108 -14.36 -14.01 -14.36
N ILE A 109 -14.10 -13.33 -15.49
CA ILE A 109 -13.80 -11.89 -15.47
C ILE A 109 -15.12 -11.16 -15.30
N ILE A 110 -15.12 -10.15 -14.45
CA ILE A 110 -16.31 -9.34 -14.13
C ILE A 110 -16.10 -7.99 -14.81
N SER A 111 -17.19 -7.38 -15.23
CA SER A 111 -17.07 -6.12 -16.01
C SER A 111 -18.18 -5.18 -15.62
N GLY A 112 -17.95 -3.92 -15.84
CA GLY A 112 -18.88 -2.88 -15.42
C GLY A 112 -18.57 -1.57 -16.07
N GLU A 113 -19.31 -0.56 -15.67
CA GLU A 113 -19.03 0.85 -16.15
C GLU A 113 -18.92 1.75 -14.92
N ASP A 114 -17.91 2.60 -14.85
CA ASP A 114 -17.79 3.64 -13.80
C ASP A 114 -17.72 5.03 -14.45
N ILE A 115 -18.43 5.95 -13.83
CA ILE A 115 -18.33 7.39 -14.25
C ILE A 115 -17.75 8.16 -13.05
N PHE A 116 -16.65 8.89 -13.27
CA PHE A 116 -15.90 9.64 -12.24
C PHE A 116 -16.12 11.13 -12.39
N LYS A 117 -16.42 11.84 -11.30
CA LYS A 117 -16.45 13.34 -11.27
C LYS A 117 -15.26 13.81 -10.42
N PRO A 118 -14.72 15.03 -10.65
CA PRO A 118 -13.71 15.58 -9.75
C PRO A 118 -14.27 15.70 -8.34
N SER A 119 -13.45 15.37 -7.33
CA SER A 119 -13.81 15.51 -5.90
C SER A 119 -12.77 16.40 -5.23
N LEU B 13 -13.20 9.01 9.92
CA LEU B 13 -11.82 9.07 9.35
C LEU B 13 -11.21 10.41 9.79
N SER B 14 -10.12 10.41 10.57
CA SER B 14 -9.56 11.67 11.12
C SER B 14 -8.10 11.86 10.65
N ALA B 15 -7.84 13.04 10.11
CA ALA B 15 -6.56 13.32 9.45
C ALA B 15 -5.81 14.35 10.31
N TRP B 16 -4.53 14.08 10.49
CA TRP B 16 -3.61 14.86 11.35
C TRP B 16 -2.34 15.17 10.55
N THR B 17 -2.01 16.45 10.42
CA THR B 17 -0.86 16.90 9.61
C THR B 17 0.22 17.45 10.55
N ASN B 18 1.46 17.04 10.34
CA ASN B 18 2.58 17.52 11.21
C ASN B 18 3.26 18.76 10.61
N GLN B 19 4.25 19.28 11.33
CA GLN B 19 4.97 20.52 11.00
C GLN B 19 5.71 20.41 9.67
N SER B 20 6.02 19.21 9.21
CA SER B 20 6.69 18.92 7.92
C SER B 20 5.69 18.74 6.77
N GLY B 21 4.39 18.75 7.07
CA GLY B 21 3.29 18.62 6.10
C GLY B 21 2.88 17.17 5.84
N SER B 22 3.41 16.21 6.60
CA SER B 22 3.00 14.77 6.49
C SER B 22 1.62 14.64 7.13
N THR B 23 0.82 13.70 6.64
CA THR B 23 -0.54 13.44 7.17
C THR B 23 -0.71 11.97 7.58
N LEU B 24 -1.20 11.79 8.80
CA LEU B 24 -1.72 10.53 9.33
C LEU B 24 -3.22 10.52 9.09
N TYR B 25 -3.66 9.55 8.34
CA TYR B 25 -5.08 9.33 8.05
C TYR B 25 -5.59 8.17 8.90
N ILE B 26 -6.26 8.49 10.00
CA ILE B 26 -6.82 7.40 10.84
C ILE B 26 -8.16 6.96 10.26
N GLN B 27 -8.21 5.72 9.79
CA GLN B 27 -9.41 5.13 9.13
C GLN B 27 -10.30 4.52 10.22
N SER B 28 -9.74 3.94 11.28
CA SER B 28 -10.57 3.39 12.38
C SER B 28 -9.78 3.22 13.66
N VAL B 29 -10.51 3.28 14.77
CA VAL B 29 -10.04 2.82 16.09
C VAL B 29 -11.09 1.86 16.60
N ASP B 30 -10.71 0.59 16.76
CA ASP B 30 -11.49 -0.55 17.30
C ASP B 30 -11.92 -0.18 18.72
N PRO B 31 -12.99 -0.79 19.25
CA PRO B 31 -13.24 -0.69 20.67
C PRO B 31 -12.05 -1.17 21.51
N SER B 32 -11.17 -2.04 21.00
CA SER B 32 -9.95 -2.54 21.69
C SER B 32 -8.92 -1.39 21.85
N GLY B 33 -9.10 -0.30 21.13
CA GLY B 33 -8.07 0.76 20.98
C GLY B 33 -7.17 0.51 19.75
N SER B 34 -7.43 -0.51 18.93
CA SER B 34 -6.58 -0.84 17.75
C SER B 34 -6.81 0.20 16.66
N LEU B 35 -5.73 0.88 16.24
CA LEU B 35 -5.72 1.98 15.22
C LEU B 35 -5.32 1.37 13.88
N SER B 36 -6.01 1.78 12.81
CA SER B 36 -5.63 1.40 11.43
C SER B 36 -5.77 2.66 10.56
N GLY B 37 -4.87 2.79 9.61
CA GLY B 37 -5.03 3.81 8.56
C GLY B 37 -3.82 3.84 7.68
N TYR B 38 -3.49 5.00 7.21
CA TYR B 38 -2.38 5.18 6.26
C TYR B 38 -1.80 6.56 6.53
N TYR B 39 -0.62 6.75 5.93
CA TYR B 39 0.28 7.89 6.24
C TYR B 39 0.92 8.35 4.95
N ILE B 40 0.80 9.63 4.70
CA ILE B 40 1.49 10.25 3.54
C ILE B 40 2.58 11.16 4.06
N ASN B 41 3.80 10.77 3.76
CA ASN B 41 4.98 11.52 4.17
C ASN B 41 5.24 12.64 3.16
N ARG B 42 5.45 13.84 3.67
CA ARG B 42 5.86 14.99 2.83
C ARG B 42 7.04 15.71 3.46
N ALA B 43 7.85 15.02 4.29
CA ALA B 43 8.97 15.64 5.00
C ALA B 43 10.14 15.81 4.04
N ALA B 44 10.56 17.04 3.81
CA ALA B 44 11.71 17.36 2.93
C ALA B 44 12.93 16.51 3.32
N GLY B 45 13.65 15.97 2.32
CA GLY B 45 14.92 15.25 2.47
C GLY B 45 14.70 13.77 2.76
N TYR B 46 13.46 13.33 2.97
CA TYR B 46 13.15 11.89 3.19
C TYR B 46 12.68 11.27 1.87
N GLY B 47 12.85 9.96 1.77
CA GLY B 47 12.27 9.22 0.66
C GLY B 47 10.78 8.93 0.92
N CYS B 48 10.14 8.15 0.04
CA CYS B 48 8.78 7.63 0.29
C CYS B 48 7.81 8.78 0.59
N GLN B 49 7.83 9.79 -0.28
CA GLN B 49 6.94 10.96 -0.22
C GLN B 49 5.71 10.75 -1.12
N ASN B 50 4.60 11.37 -0.72
CA ASN B 50 3.40 11.61 -1.56
C ASN B 50 2.60 10.33 -1.85
N THR B 51 2.88 9.20 -1.20
CA THR B 51 2.15 7.93 -1.45
C THR B 51 1.79 7.32 -0.09
N PRO B 52 0.62 6.68 -0.01
CA PRO B 52 0.13 6.17 1.25
C PRO B 52 0.87 4.89 1.72
N TYR B 53 1.34 4.92 2.94
CA TYR B 53 1.99 3.79 3.67
C TYR B 53 1.11 3.38 4.84
N PRO B 54 1.10 2.08 5.13
CA PRO B 54 0.20 1.53 6.14
C PRO B 54 0.59 1.85 7.58
N VAL B 55 -0.43 2.03 8.42
CA VAL B 55 -0.30 2.42 9.84
C VAL B 55 -1.03 1.39 10.70
N THR B 56 -0.39 0.96 11.80
CA THR B 56 -1.03 0.23 12.88
C THR B 56 -0.65 0.94 14.16
N GLY B 57 -1.45 0.76 15.21
CA GLY B 57 -1.15 1.37 16.49
C GLY B 57 -2.26 1.17 17.48
N TRP B 58 -2.19 1.93 18.54
CA TRP B 58 -3.05 1.82 19.72
C TRP B 58 -3.41 3.24 20.14
N VAL B 59 -4.61 3.35 20.59
CA VAL B 59 -5.06 4.55 21.33
C VAL B 59 -5.57 4.10 22.70
N TYR B 60 -5.24 4.84 23.74
CA TYR B 60 -5.61 4.57 25.14
C TYR B 60 -5.85 5.92 25.80
N GLY B 61 -7.12 6.35 25.84
CA GLY B 61 -7.42 7.71 26.22
C GLY B 61 -6.76 8.69 25.28
N THR B 62 -5.89 9.51 25.81
CA THR B 62 -5.15 10.53 25.05
C THR B 62 -3.82 9.97 24.58
N ALA B 63 -3.41 8.80 25.05
CA ALA B 63 -2.10 8.20 24.64
C ALA B 63 -2.28 7.53 23.30
N ILE B 64 -1.24 7.58 22.48
CA ILE B 64 -1.34 7.03 21.10
C ILE B 64 0.05 6.53 20.72
N THR B 65 0.13 5.36 20.11
CA THR B 65 1.34 4.95 19.37
C THR B 65 0.86 4.60 17.97
N PHE B 66 1.66 4.89 16.97
CA PHE B 66 1.39 4.37 15.62
C PHE B 66 2.72 4.14 14.92
N THR B 67 2.71 3.19 13.99
CA THR B 67 3.95 2.81 13.31
C THR B 67 3.62 2.59 11.84
N VAL B 68 4.51 3.08 11.00
CA VAL B 68 4.40 3.04 9.54
C VAL B 68 5.52 2.21 8.97
N LEU B 69 5.12 1.32 8.06
CA LEU B 69 6.04 0.51 7.27
C LEU B 69 6.29 1.26 5.98
N TRP B 70 7.53 1.61 5.68
CA TRP B 70 7.89 2.39 4.48
C TRP B 70 8.07 1.51 3.26
N GLU B 71 7.08 0.68 3.01
CA GLU B 71 7.02 -0.15 1.82
C GLU B 71 5.62 0.00 1.27
N ASN B 72 5.53 0.25 -0.03
CA ASN B 72 4.25 0.09 -0.79
C ASN B 72 4.63 -0.20 -2.24
N ALA B 73 3.65 -0.29 -3.11
CA ALA B 73 3.90 -0.74 -4.49
C ALA B 73 4.47 0.39 -5.35
N THR B 74 4.57 1.61 -4.81
CA THR B 74 5.03 2.81 -5.52
C THR B 74 6.51 3.03 -5.19
N GLU B 75 6.87 2.94 -3.92
CA GLU B 75 8.25 3.23 -3.46
C GLU B 75 8.49 2.58 -2.11
N SER B 76 9.72 2.13 -1.92
CA SER B 76 10.16 1.41 -0.71
C SER B 76 11.42 2.09 -0.16
N CYS B 77 11.49 2.22 1.15
CA CYS B 77 12.63 2.88 1.84
C CYS B 77 13.23 1.92 2.87
N ASN B 78 12.81 0.64 2.91
CA ASN B 78 13.55 -0.33 3.74
C ASN B 78 13.68 0.10 5.19
N SER B 79 12.59 0.66 5.73
CA SER B 79 12.62 1.25 7.06
C SER B 79 11.21 1.27 7.64
N ILE B 80 11.15 1.56 8.93
CA ILE B 80 9.92 1.58 9.74
C ILE B 80 10.05 2.70 10.74
N THR B 81 8.99 3.45 10.93
CA THR B 81 8.95 4.48 11.98
C THR B 81 7.90 4.11 12.99
N ALA B 82 8.20 4.39 14.26
CA ALA B 82 7.21 4.29 15.37
C ALA B 82 7.12 5.63 16.08
N TRP B 83 5.89 6.12 16.24
CA TRP B 83 5.57 7.35 16.99
C TRP B 83 4.93 6.96 18.31
N THR B 84 5.27 7.67 19.35
CA THR B 84 4.69 7.54 20.71
C THR B 84 4.31 8.96 21.16
N GLY B 85 3.07 9.18 21.56
CA GLY B 85 2.80 10.50 22.09
C GLY B 85 1.41 10.61 22.66
N PHE B 86 0.88 11.81 22.64
CA PHE B 86 -0.35 12.10 23.38
C PHE B 86 -1.10 13.21 22.66
N TYR B 87 -2.42 13.13 22.76
CA TYR B 87 -3.33 14.22 22.38
C TYR B 87 -3.39 15.19 23.56
N TYR B 88 -3.21 16.48 23.28
CA TYR B 88 -3.34 17.54 24.30
C TYR B 88 -3.58 18.88 23.60
N GLN B 89 -4.62 19.59 24.00
CA GLN B 89 -4.91 20.96 23.50
C GLN B 89 -5.11 20.93 21.98
N GLY B 90 -5.83 19.91 21.52
CA GLY B 90 -6.26 19.78 20.12
C GLY B 90 -5.13 19.39 19.18
N GLN B 91 -3.97 18.98 19.67
CA GLN B 91 -2.79 18.58 18.85
C GLN B 91 -2.29 17.23 19.35
N ILE B 92 -1.61 16.46 18.50
CA ILE B 92 -0.93 15.21 18.96
C ILE B 92 0.56 15.50 18.95
N THR B 93 1.19 15.44 20.12
CA THR B 93 2.64 15.63 20.27
C THR B 93 3.30 14.25 20.39
N THR B 94 4.33 14.02 19.58
CA THR B 94 4.93 12.68 19.41
C THR B 94 6.44 12.76 19.43
N LEU B 95 7.04 11.69 19.90
CA LEU B 95 8.45 11.38 19.63
C LEU B 95 8.44 10.20 18.66
N TRP B 96 9.35 10.21 17.69
CA TRP B 96 9.43 9.09 16.75
C TRP B 96 10.84 8.53 16.66
N GLN B 97 10.90 7.26 16.26
CA GLN B 97 12.14 6.49 16.06
C GLN B 97 12.02 5.78 14.70
N LEU B 98 13.05 5.89 13.89
CA LEU B 98 13.04 5.33 12.52
C LEU B 98 14.19 4.33 12.45
N VAL B 99 13.87 3.10 12.10
CA VAL B 99 14.88 2.01 12.04
C VAL B 99 14.94 1.53 10.61
N ILE B 100 16.14 1.23 10.14
CA ILE B 100 16.37 0.79 8.75
C ILE B 100 16.69 -0.70 8.72
N ASN B 101 16.06 -1.38 7.81
CA ASN B 101 16.45 -2.80 7.52
C ASN B 101 17.99 -2.89 7.49
N GLY B 102 18.54 -3.96 8.09
CA GLY B 102 19.97 -4.34 7.98
C GLY B 102 20.84 -3.65 9.04
N SER B 103 20.21 -2.81 9.90
CA SER B 103 20.90 -2.08 11.00
C SER B 103 21.67 -3.02 11.92
N THR B 104 22.81 -2.53 12.43
CA THR B 104 23.67 -3.29 13.31
C THR B 104 23.93 -2.56 14.64
N SER B 105 23.44 -1.35 14.81
CA SER B 105 23.72 -0.49 15.97
C SER B 105 22.51 0.42 16.24
N THR B 106 22.16 0.61 17.50
CA THR B 106 21.11 1.59 17.89
C THR B 106 21.54 2.99 17.45
N GLY B 107 22.84 3.15 17.22
CA GLY B 107 23.39 4.39 16.65
C GLY B 107 22.73 4.80 15.34
N GLN B 108 22.22 3.82 14.58
CA GLN B 108 21.70 3.96 13.20
C GLN B 108 20.18 4.24 13.21
N ILE B 109 19.57 4.12 14.37
CA ILE B 109 18.21 4.60 14.61
C ILE B 109 18.21 6.14 14.61
N ILE B 110 17.29 6.70 13.84
CA ILE B 110 17.10 8.16 13.67
C ILE B 110 15.87 8.53 14.51
N SER B 111 15.87 9.69 15.14
CA SER B 111 14.77 10.07 16.04
C SER B 111 14.40 11.55 15.86
N GLY B 112 13.20 11.89 16.30
CA GLY B 112 12.75 13.29 16.20
C GLY B 112 11.44 13.48 16.91
N GLU B 113 10.90 14.68 16.76
CA GLU B 113 9.63 15.07 17.38
C GLU B 113 8.70 15.54 16.26
N ASP B 114 7.47 15.08 16.26
CA ASP B 114 6.43 15.55 15.33
C ASP B 114 5.24 16.06 16.12
N ILE B 115 4.69 17.20 15.70
CA ILE B 115 3.45 17.72 16.31
C ILE B 115 2.42 17.75 15.19
N PHE B 116 1.30 17.07 15.41
CA PHE B 116 0.23 16.91 14.41
C PHE B 116 -0.97 17.79 14.81
N LYS B 117 -1.48 18.53 13.86
CA LYS B 117 -2.72 19.32 14.07
C LYS B 117 -3.76 18.77 13.13
N PRO B 118 -5.05 18.98 13.39
CA PRO B 118 -6.11 18.45 12.54
C PRO B 118 -5.95 19.03 11.15
N SER B 119 -6.21 18.21 10.15
CA SER B 119 -6.22 18.64 8.74
C SER B 119 -7.53 18.20 8.09
N LEU C 13 14.64 -11.28 -20.11
CA LEU C 13 13.31 -10.78 -20.19
C LEU C 13 12.43 -11.79 -20.95
N SER C 14 11.13 -11.58 -20.89
CA SER C 14 10.06 -12.61 -21.01
C SER C 14 9.17 -12.17 -22.19
N ALA C 15 9.22 -12.82 -23.35
CA ALA C 15 8.43 -12.37 -24.50
C ALA C 15 7.20 -13.27 -24.66
N TRP C 16 6.07 -12.69 -25.03
CA TRP C 16 4.78 -13.41 -25.22
C TRP C 16 4.13 -12.92 -26.53
N THR C 17 3.77 -13.83 -27.43
CA THR C 17 3.26 -13.43 -28.76
C THR C 17 1.81 -13.87 -28.86
N ASN C 18 0.92 -13.03 -29.40
CA ASN C 18 -0.51 -13.38 -29.50
C ASN C 18 -0.81 -13.94 -30.89
N GLN C 19 -2.08 -14.22 -31.12
CA GLN C 19 -2.53 -14.96 -32.34
C GLN C 19 -2.31 -14.09 -33.60
N SER C 20 -2.24 -12.79 -33.42
CA SER C 20 -2.09 -11.75 -34.48
C SER C 20 -0.63 -11.48 -34.80
N GLY C 21 0.30 -12.05 -34.02
CA GLY C 21 1.75 -11.88 -34.20
C GLY C 21 2.32 -10.74 -33.37
N SER C 22 1.52 -10.08 -32.53
CA SER C 22 2.00 -9.00 -31.65
C SER C 22 2.78 -9.61 -30.53
N THR C 23 3.76 -8.91 -30.00
CA THR C 23 4.61 -9.41 -28.89
C THR C 23 4.69 -8.43 -27.72
N LEU C 24 4.40 -8.95 -26.55
CA LEU C 24 4.62 -8.28 -25.24
C LEU C 24 6.01 -8.67 -24.75
N TYR C 25 6.88 -7.68 -24.56
CA TYR C 25 8.27 -7.84 -24.05
C TYR C 25 8.28 -7.40 -22.59
N ILE C 26 8.33 -8.32 -21.66
CA ILE C 26 8.27 -7.96 -20.24
C ILE C 26 9.68 -7.70 -19.77
N GLN C 27 9.96 -6.47 -19.30
CA GLN C 27 11.35 -6.14 -18.89
C GLN C 27 11.47 -6.44 -17.41
N SER C 28 10.41 -6.23 -16.63
CA SER C 28 10.47 -6.50 -15.19
C SER C 28 9.09 -6.71 -14.59
N VAL C 29 9.05 -7.54 -13.58
CA VAL C 29 7.94 -7.57 -12.60
C VAL C 29 8.56 -7.42 -11.21
N ASP C 30 8.26 -6.29 -10.57
CA ASP C 30 8.72 -5.95 -9.20
C ASP C 30 8.11 -6.93 -8.21
N PRO C 31 8.71 -7.09 -7.02
CA PRO C 31 8.07 -7.84 -5.95
C PRO C 31 6.69 -7.26 -5.60
N SER C 32 6.44 -5.98 -5.88
CA SER C 32 5.09 -5.38 -5.68
C SER C 32 4.04 -5.89 -6.67
N GLY C 33 4.48 -6.55 -7.75
CA GLY C 33 3.65 -6.91 -8.88
C GLY C 33 3.68 -5.90 -10.00
N SER C 34 4.41 -4.79 -9.86
CA SER C 34 4.48 -3.77 -10.93
C SER C 34 5.20 -4.32 -12.17
N LEU C 35 4.52 -4.32 -13.31
CA LEU C 35 5.05 -4.83 -14.59
C LEU C 35 5.47 -3.64 -15.43
N SER C 36 6.61 -3.75 -16.11
N SER C 36 6.61 -3.77 -16.11
CA SER C 36 7.11 -2.74 -17.07
CA SER C 36 7.13 -2.80 -17.08
C SER C 36 7.64 -3.50 -18.30
C SER C 36 7.60 -3.56 -18.32
N GLY C 37 7.42 -2.93 -19.47
CA GLY C 37 7.81 -3.59 -20.69
C GLY C 37 7.50 -2.76 -21.88
N TYR C 38 7.54 -3.42 -23.02
CA TYR C 38 7.18 -2.84 -24.30
C TYR C 38 6.48 -3.89 -25.13
N TYR C 39 5.84 -3.35 -26.13
CA TYR C 39 4.90 -4.07 -26.98
C TYR C 39 5.21 -3.69 -28.39
N ILE C 40 5.17 -4.68 -29.25
CA ILE C 40 5.25 -4.45 -30.70
C ILE C 40 3.98 -5.06 -31.28
N ASN C 41 3.16 -4.15 -31.82
CA ASN C 41 1.88 -4.52 -32.46
C ASN C 41 2.14 -4.99 -33.89
N ARG C 42 1.58 -6.14 -34.27
CA ARG C 42 1.74 -6.70 -35.64
C ARG C 42 0.36 -7.08 -36.17
N ALA C 43 -0.72 -6.61 -35.52
CA ALA C 43 -2.11 -6.97 -35.89
C ALA C 43 -2.49 -6.26 -37.20
N ALA C 44 -2.87 -7.02 -38.21
CA ALA C 44 -3.35 -6.54 -39.52
C ALA C 44 -4.47 -5.51 -39.33
N GLY C 45 -4.34 -4.40 -40.03
CA GLY C 45 -5.42 -3.41 -40.15
C GLY C 45 -5.27 -2.34 -39.11
N TYR C 46 -4.34 -2.48 -38.16
CA TYR C 46 -4.10 -1.45 -37.13
C TYR C 46 -2.90 -0.59 -37.51
N GLY C 47 -2.93 0.65 -37.02
CA GLY C 47 -1.74 1.52 -37.05
C GLY C 47 -0.71 1.10 -36.02
N CYS C 48 0.35 1.89 -35.91
CA CYS C 48 1.39 1.68 -34.88
C CYS C 48 1.81 0.21 -34.84
N GLN C 49 2.23 -0.31 -35.99
CA GLN C 49 2.85 -1.65 -36.11
C GLN C 49 4.40 -1.59 -36.10
N ASN C 50 5.04 -2.70 -35.66
CA ASN C 50 6.46 -3.05 -35.93
C ASN C 50 7.37 -2.17 -35.06
N THR C 51 6.84 -1.33 -34.16
CA THR C 51 7.70 -0.43 -33.37
C THR C 51 7.31 -0.50 -31.90
N PRO C 52 8.25 -0.24 -31.01
CA PRO C 52 8.01 -0.50 -29.61
C PRO C 52 7.17 0.62 -28.96
N TYR C 53 6.20 0.19 -28.15
CA TYR C 53 5.29 1.04 -27.34
C TYR C 53 5.35 0.60 -25.92
N PRO C 54 5.27 1.54 -24.96
CA PRO C 54 5.55 1.21 -23.57
C PRO C 54 4.35 0.53 -22.88
N VAL C 55 4.64 -0.34 -21.94
CA VAL C 55 3.71 -1.23 -21.21
C VAL C 55 3.90 -0.93 -19.71
N THR C 56 2.77 -0.76 -19.03
CA THR C 56 2.72 -0.77 -17.56
C THR C 56 1.61 -1.73 -17.16
N GLY C 57 1.69 -2.30 -15.98
CA GLY C 57 0.57 -3.13 -15.51
C GLY C 57 0.89 -3.78 -14.19
N TRP C 58 0.11 -4.82 -13.88
CA TRP C 58 0.18 -5.59 -12.62
C TRP C 58 0.12 -7.08 -12.91
N VAL C 59 0.84 -7.79 -12.07
CA VAL C 59 0.82 -9.27 -12.00
C VAL C 59 0.52 -9.63 -10.57
N TYR C 60 -0.44 -10.51 -10.40
CA TYR C 60 -0.93 -10.89 -9.07
C TYR C 60 -1.17 -12.37 -9.14
N GLY C 61 -0.20 -13.18 -8.71
CA GLY C 61 -0.34 -14.61 -9.01
C GLY C 61 -0.42 -14.87 -10.50
N THR C 62 -1.48 -15.51 -10.97
CA THR C 62 -1.69 -15.82 -12.41
C THR C 62 -2.54 -14.74 -13.09
N ALA C 63 -3.01 -13.73 -12.33
CA ALA C 63 -3.77 -12.62 -12.90
C ALA C 63 -2.77 -11.62 -13.46
N ILE C 64 -3.17 -10.94 -14.52
CA ILE C 64 -2.36 -9.86 -15.12
C ILE C 64 -3.26 -8.80 -15.74
N THR C 65 -2.82 -7.55 -15.63
CA THR C 65 -3.33 -6.45 -16.48
C THR C 65 -2.12 -5.77 -17.05
N PHE C 66 -2.27 -5.25 -18.26
CA PHE C 66 -1.18 -4.45 -18.83
C PHE C 66 -1.80 -3.53 -19.85
N THR C 67 -1.17 -2.37 -20.00
CA THR C 67 -1.75 -1.36 -20.91
C THR C 67 -0.59 -0.71 -21.67
N VAL C 68 -0.93 -0.34 -22.90
CA VAL C 68 0.01 0.21 -23.91
C VAL C 68 -0.53 1.57 -24.37
N LEU C 69 0.36 2.55 -24.34
CA LEU C 69 0.17 3.93 -24.88
C LEU C 69 0.63 3.86 -26.34
N TRP C 70 -0.20 4.16 -27.32
CA TRP C 70 0.16 4.10 -28.76
C TRP C 70 0.78 5.42 -29.25
N GLU C 71 1.85 5.85 -28.59
CA GLU C 71 2.76 6.89 -29.08
C GLU C 71 4.19 6.46 -28.79
N ASN C 72 5.08 6.71 -29.75
CA ASN C 72 6.52 6.47 -29.53
C ASN C 72 7.23 7.51 -30.38
N ALA C 73 8.49 7.33 -30.71
CA ALA C 73 9.34 8.31 -31.39
C ALA C 73 8.87 8.50 -32.83
N THR C 74 8.21 7.52 -33.40
CA THR C 74 8.02 7.49 -34.86
C THR C 74 6.56 7.49 -35.25
N GLU C 75 5.64 6.95 -34.44
CA GLU C 75 4.23 6.85 -34.89
C GLU C 75 3.29 6.92 -33.70
N SER C 76 2.23 7.69 -33.88
CA SER C 76 1.15 7.88 -32.88
C SER C 76 -0.19 7.47 -33.47
N CYS C 77 -1.01 6.82 -32.65
CA CYS C 77 -2.37 6.42 -33.05
C CYS C 77 -3.40 6.99 -32.09
N ASN C 78 -3.04 7.94 -31.23
CA ASN C 78 -4.06 8.72 -30.51
C ASN C 78 -4.94 7.79 -29.67
N SER C 79 -4.38 6.78 -29.02
CA SER C 79 -5.19 5.73 -28.39
C SER C 79 -4.37 4.96 -27.38
N ILE C 80 -5.11 4.25 -26.53
CA ILE C 80 -4.50 3.39 -25.48
C ILE C 80 -5.25 2.05 -25.48
N THR C 81 -4.53 0.97 -25.21
CA THR C 81 -5.18 -0.35 -25.01
C THR C 81 -4.88 -0.81 -23.58
N ALA C 82 -5.88 -1.44 -22.95
CA ALA C 82 -5.73 -2.15 -21.67
C ALA C 82 -6.20 -3.59 -21.84
N TRP C 83 -5.32 -4.51 -21.43
CA TRP C 83 -5.57 -5.96 -21.42
C TRP C 83 -5.82 -6.39 -19.97
N THR C 84 -6.85 -7.20 -19.77
CA THR C 84 -7.14 -7.88 -18.53
C THR C 84 -7.17 -9.39 -18.81
N GLY C 85 -6.40 -10.18 -18.10
CA GLY C 85 -6.37 -11.61 -18.41
C GLY C 85 -5.60 -12.38 -17.38
N PHE C 86 -5.30 -13.63 -17.70
CA PHE C 86 -4.84 -14.59 -16.72
C PHE C 86 -4.00 -15.63 -17.43
N TYR C 87 -3.08 -16.18 -16.66
CA TYR C 87 -2.14 -17.20 -17.18
C TYR C 87 -2.69 -18.55 -16.78
N TYR C 88 -2.88 -19.43 -17.74
CA TYR C 88 -3.27 -20.81 -17.43
C TYR C 88 -2.85 -21.69 -18.62
N GLN C 89 -2.23 -22.81 -18.32
CA GLN C 89 -1.96 -23.87 -19.33
C GLN C 89 -1.18 -23.30 -20.51
N GLY C 90 -0.16 -22.50 -20.19
CA GLY C 90 0.92 -22.15 -21.13
C GLY C 90 0.56 -20.97 -21.93
N GLN C 91 -0.50 -20.24 -21.55
CA GLN C 91 -0.96 -19.07 -22.32
C GLN C 91 -1.58 -18.02 -21.37
N ILE C 92 -1.45 -16.78 -21.80
CA ILE C 92 -2.16 -15.65 -21.17
C ILE C 92 -3.38 -15.34 -22.05
N THR C 93 -4.53 -15.66 -21.50
CA THR C 93 -5.84 -15.38 -22.10
C THR C 93 -6.23 -13.98 -21.64
N THR C 94 -6.53 -13.08 -22.58
CA THR C 94 -6.86 -11.68 -22.21
C THR C 94 -8.06 -11.20 -22.99
N LEU C 95 -8.74 -10.22 -22.35
CA LEU C 95 -9.77 -9.35 -22.96
C LEU C 95 -9.21 -7.93 -23.00
N TRP C 96 -9.26 -7.27 -24.14
CA TRP C 96 -8.66 -5.94 -24.25
C TRP C 96 -9.75 -4.94 -24.57
N GLN C 97 -9.47 -3.69 -24.22
CA GLN C 97 -10.31 -2.54 -24.53
C GLN C 97 -9.37 -1.45 -25.02
N LEU C 98 -9.72 -0.81 -26.13
CA LEU C 98 -8.91 0.22 -26.83
C LEU C 98 -9.77 1.48 -26.92
N VAL C 99 -9.23 2.55 -26.35
CA VAL C 99 -9.91 3.87 -26.29
C VAL C 99 -9.12 4.87 -27.12
N ILE C 100 -9.85 5.62 -27.91
CA ILE C 100 -9.33 6.72 -28.78
C ILE C 100 -9.48 8.07 -28.07
N ASN C 101 -8.42 8.88 -28.12
CA ASN C 101 -8.37 10.29 -27.66
C ASN C 101 -9.51 11.04 -28.35
N GLY C 102 -10.27 11.81 -27.58
CA GLY C 102 -11.36 12.64 -28.12
C GLY C 102 -12.68 11.91 -28.25
N SER C 103 -12.77 10.69 -27.70
CA SER C 103 -14.01 9.87 -27.71
C SER C 103 -15.09 10.58 -26.88
N THR C 104 -16.36 10.31 -27.19
CA THR C 104 -17.51 10.93 -26.47
C THR C 104 -18.50 9.86 -25.97
N SER C 105 -18.28 8.58 -26.29
CA SER C 105 -19.21 7.46 -25.97
C SER C 105 -18.38 6.19 -25.73
N THR C 106 -18.77 5.34 -24.78
CA THR C 106 -18.19 4.01 -24.53
C THR C 106 -18.48 3.12 -25.74
N GLY C 107 -19.48 3.49 -26.53
CA GLY C 107 -19.76 2.94 -27.87
C GLY C 107 -18.54 2.92 -28.80
N GLN C 108 -17.59 3.84 -28.59
CA GLN C 108 -16.41 4.01 -29.46
C GLN C 108 -15.24 3.20 -28.93
N ILE C 109 -15.33 2.65 -27.71
CA ILE C 109 -14.26 1.76 -27.16
C ILE C 109 -14.34 0.43 -27.91
N ILE C 110 -13.20 0.02 -28.45
CA ILE C 110 -13.04 -1.22 -29.28
C ILE C 110 -12.56 -2.32 -28.35
N SER C 111 -13.03 -3.56 -28.54
CA SER C 111 -12.69 -4.66 -27.65
C SER C 111 -12.43 -5.94 -28.43
N GLY C 112 -11.67 -6.83 -27.80
CA GLY C 112 -11.44 -8.16 -28.36
C GLY C 112 -10.71 -9.03 -27.37
N GLU C 113 -10.29 -10.20 -27.87
CA GLU C 113 -9.62 -11.24 -27.07
C GLU C 113 -8.28 -11.54 -27.76
N ASP C 114 -7.24 -11.51 -26.95
CA ASP C 114 -5.89 -11.91 -27.37
C ASP C 114 -5.48 -13.06 -26.48
N ILE C 115 -4.95 -14.10 -27.12
CA ILE C 115 -4.20 -15.22 -26.49
C ILE C 115 -2.69 -15.06 -26.72
N PHE C 116 -1.89 -15.05 -25.64
CA PHE C 116 -0.41 -14.85 -25.74
C PHE C 116 0.29 -16.13 -25.30
N LYS C 117 1.29 -16.57 -26.07
CA LYS C 117 2.09 -17.75 -25.71
C LYS C 117 3.55 -17.35 -25.67
N PRO C 118 4.34 -18.05 -24.85
CA PRO C 118 5.78 -17.80 -24.80
C PRO C 118 6.41 -17.80 -26.19
N SER C 119 7.24 -16.80 -26.46
CA SER C 119 7.98 -16.70 -27.75
C SER C 119 9.42 -16.36 -27.41
N LEU D 13 4.25 -20.77 16.86
CA LEU D 13 4.59 -19.35 16.97
C LEU D 13 6.01 -19.18 17.56
N SER D 14 6.36 -17.98 18.02
CA SER D 14 7.75 -17.47 18.09
C SER D 14 7.94 -16.54 19.30
N ALA D 15 8.73 -16.94 20.30
CA ALA D 15 8.86 -16.22 21.57
C ALA D 15 10.26 -15.64 21.70
N TRP D 16 10.32 -14.46 22.29
CA TRP D 16 11.53 -13.66 22.47
C TRP D 16 11.48 -13.01 23.85
N THR D 17 12.53 -13.27 24.65
CA THR D 17 12.59 -12.87 26.05
C THR D 17 13.68 -11.82 26.22
N ASN D 18 13.35 -10.72 26.89
CA ASN D 18 14.34 -9.64 27.12
C ASN D 18 15.09 -9.85 28.45
N GLN D 19 16.00 -8.91 28.74
CA GLN D 19 16.92 -8.98 29.89
C GLN D 19 16.14 -8.89 31.21
N SER D 20 14.94 -8.32 31.19
CA SER D 20 14.06 -8.15 32.36
C SER D 20 13.16 -9.37 32.56
N GLY D 21 13.18 -10.34 31.64
CA GLY D 21 12.38 -11.57 31.72
C GLY D 21 11.04 -11.44 31.02
N SER D 22 10.71 -10.30 30.40
CA SER D 22 9.47 -10.17 29.62
C SER D 22 9.61 -10.94 28.32
N THR D 23 8.49 -11.32 27.75
CA THR D 23 8.44 -12.15 26.52
C THR D 23 7.45 -11.58 25.53
N LEU D 24 7.91 -11.40 24.31
CA LEU D 24 7.06 -11.14 23.14
C LEU D 24 6.72 -12.47 22.51
N TYR D 25 5.44 -12.75 22.41
CA TYR D 25 4.93 -13.97 21.75
C TYR D 25 4.37 -13.59 20.39
N ILE D 26 5.06 -13.95 19.32
CA ILE D 26 4.64 -13.55 17.97
C ILE D 26 3.74 -14.67 17.45
N GLN D 27 2.49 -14.31 17.16
CA GLN D 27 1.46 -15.22 16.64
C GLN D 27 1.58 -15.23 15.12
N SER D 28 1.80 -14.08 14.52
CA SER D 28 1.79 -14.00 13.04
C SER D 28 2.65 -12.84 12.55
N VAL D 29 3.39 -13.09 11.46
CA VAL D 29 3.85 -12.02 10.56
C VAL D 29 3.29 -12.30 9.17
N ASP D 30 2.40 -11.43 8.66
CA ASP D 30 1.80 -11.57 7.32
C ASP D 30 2.84 -11.31 6.23
N PRO D 31 2.63 -11.73 4.98
CA PRO D 31 3.56 -11.35 3.91
C PRO D 31 3.70 -9.83 3.76
N SER D 32 2.72 -9.06 4.21
CA SER D 32 2.77 -7.57 4.19
C SER D 32 3.78 -7.04 5.20
N GLY D 33 4.21 -7.89 6.15
CA GLY D 33 5.03 -7.52 7.31
C GLY D 33 4.21 -7.22 8.55
N SER D 34 2.87 -7.27 8.47
CA SER D 34 2.01 -7.00 9.66
C SER D 34 2.31 -8.05 10.73
N LEU D 35 2.64 -7.60 11.95
CA LEU D 35 2.97 -8.48 13.08
C LEU D 35 1.82 -8.44 14.08
N SER D 36 1.43 -9.60 14.58
CA SER D 36 0.37 -9.74 15.61
CA SER D 36 0.38 -9.73 15.62
C SER D 36 0.92 -10.61 16.73
N GLY D 37 0.58 -10.30 17.94
CA GLY D 37 0.97 -11.25 18.99
C GLY D 37 0.58 -10.71 20.34
N TYR D 38 1.27 -11.19 21.36
CA TYR D 38 0.98 -10.74 22.75
C TYR D 38 2.27 -10.73 23.48
N TYR D 39 2.20 -10.08 24.62
CA TYR D 39 3.38 -9.68 25.42
C TYR D 39 3.05 -9.92 26.89
N ILE D 40 3.98 -10.54 27.59
CA ILE D 40 3.92 -10.66 29.06
C ILE D 40 5.13 -9.93 29.63
N ASN D 41 4.80 -8.89 30.35
CA ASN D 41 5.74 -8.02 31.05
C ASN D 41 6.11 -8.67 32.37
N ARG D 42 7.41 -8.77 32.66
CA ARG D 42 7.91 -9.34 33.95
C ARG D 42 8.97 -8.36 34.49
N ALA D 43 8.99 -7.11 33.98
CA ALA D 43 10.00 -6.10 34.40
C ALA D 43 9.68 -5.60 35.82
N ALA D 44 10.63 -5.74 36.75
CA ALA D 44 10.53 -5.28 38.16
C ALA D 44 10.09 -3.81 38.19
N GLY D 45 9.12 -3.54 39.03
CA GLY D 45 8.76 -2.16 39.36
C GLY D 45 7.66 -1.64 38.45
N TYR D 46 7.29 -2.37 37.41
CA TYR D 46 6.18 -1.97 36.53
C TYR D 46 4.87 -2.65 36.95
N GLY D 47 3.77 -2.00 36.62
CA GLY D 47 2.48 -2.69 36.65
C GLY D 47 2.31 -3.66 35.49
N CYS D 48 1.10 -4.24 35.43
CA CYS D 48 0.67 -5.05 34.28
C CYS D 48 1.71 -6.13 34.01
N GLN D 49 2.08 -6.86 35.05
CA GLN D 49 3.00 -8.00 34.92
C GLN D 49 2.21 -9.32 34.85
N ASN D 50 2.88 -10.31 34.24
CA ASN D 50 2.51 -11.74 34.28
C ASN D 50 1.23 -12.11 33.52
N THR D 51 0.67 -11.23 32.72
CA THR D 51 -0.60 -11.47 32.02
C THR D 51 -0.51 -10.90 30.62
N PRO D 52 -1.26 -11.47 29.66
CA PRO D 52 -1.01 -11.10 28.26
C PRO D 52 -1.57 -9.74 27.85
N TYR D 53 -0.77 -8.95 27.13
CA TYR D 53 -1.21 -7.67 26.51
C TYR D 53 -1.01 -7.78 25.00
N PRO D 54 -1.87 -7.15 24.22
CA PRO D 54 -1.85 -7.32 22.78
C PRO D 54 -0.75 -6.52 22.08
N VAL D 55 -0.21 -7.09 21.00
CA VAL D 55 0.93 -6.52 20.26
C VAL D 55 0.48 -6.28 18.81
N THR D 56 0.87 -5.17 18.22
CA THR D 56 0.77 -4.96 16.75
C THR D 56 2.09 -4.39 16.31
N GLY D 57 2.42 -4.56 15.07
CA GLY D 57 3.60 -3.86 14.52
C GLY D 57 3.92 -4.32 13.14
N TRP D 58 5.19 -4.12 12.78
CA TRP D 58 5.73 -4.31 11.43
C TRP D 58 7.09 -4.99 11.51
N VAL D 59 7.28 -5.85 10.55
CA VAL D 59 8.59 -6.50 10.31
C VAL D 59 8.96 -6.18 8.87
N TYR D 60 10.18 -5.69 8.66
CA TYR D 60 10.68 -5.31 7.32
C TYR D 60 12.12 -5.77 7.20
N GLY D 61 12.37 -6.94 6.60
CA GLY D 61 13.73 -7.53 6.71
C GLY D 61 14.09 -7.76 8.17
N THR D 62 15.20 -7.18 8.64
CA THR D 62 15.70 -7.34 10.02
C THR D 62 15.19 -6.18 10.87
N ALA D 63 14.42 -5.23 10.29
CA ALA D 63 13.90 -4.14 11.09
C ALA D 63 12.60 -4.60 11.74
N ILE D 64 12.26 -4.07 12.91
CA ILE D 64 10.96 -4.40 13.55
C ILE D 64 10.49 -3.22 14.41
N THR D 65 9.20 -2.94 14.33
CA THR D 65 8.50 -2.18 15.39
C THR D 65 7.36 -3.05 15.95
N PHE D 66 7.13 -2.84 17.20
CA PHE D 66 5.94 -3.39 17.81
C PHE D 66 5.49 -2.52 18.97
N THR D 67 4.22 -2.62 19.30
CA THR D 67 3.60 -1.71 20.31
CA THR D 67 3.64 -1.74 20.34
C THR D 67 2.55 -2.51 21.10
N VAL D 68 2.53 -2.31 22.39
CA VAL D 68 1.67 -3.00 23.36
C VAL D 68 0.81 -1.96 24.06
N LEU D 69 -0.49 -2.25 24.07
CA LEU D 69 -1.52 -1.52 24.84
C LEU D 69 -1.60 -2.14 26.24
N TRP D 70 -1.38 -1.40 27.32
CA TRP D 70 -1.35 -1.94 28.70
C TRP D 70 -2.77 -2.00 29.32
N GLU D 71 -3.69 -2.66 28.64
CA GLU D 71 -5.03 -3.04 29.17
C GLU D 71 -5.32 -4.47 28.71
N ASN D 72 -5.85 -5.27 29.63
CA ASN D 72 -6.38 -6.60 29.28
C ASN D 72 -7.54 -6.85 30.22
N ALA D 73 -7.99 -8.10 30.35
CA ALA D 73 -9.23 -8.42 31.06
C ALA D 73 -9.02 -8.19 32.56
N THR D 74 -7.79 -8.12 33.03
CA THR D 74 -7.60 -8.16 34.49
C THR D 74 -6.89 -6.90 34.97
N GLU D 75 -6.05 -6.26 34.18
CA GLU D 75 -5.23 -5.16 34.75
C GLU D 75 -4.93 -4.14 33.68
N SER D 76 -5.01 -2.88 34.05
CA SER D 76 -4.93 -1.65 33.21
CA SER D 76 -4.79 -1.76 33.10
C SER D 76 -3.77 -0.82 33.74
N CYS D 77 -2.91 -0.25 32.91
CA CYS D 77 -1.87 0.69 33.38
C CYS D 77 -1.93 2.00 32.63
N ASN D 78 -3.00 2.24 31.89
CA ASN D 78 -3.26 3.59 31.36
C ASN D 78 -2.06 4.05 30.54
N SER D 79 -1.47 3.18 29.74
CA SER D 79 -0.24 3.53 29.01
C SER D 79 -0.07 2.59 27.82
N ILE D 80 0.86 2.95 26.96
CA ILE D 80 1.22 2.14 25.77
C ILE D 80 2.74 2.25 25.62
N THR D 81 3.36 1.17 25.13
CA THR D 81 4.79 1.15 24.80
C THR D 81 4.93 0.88 23.30
N ALA D 82 5.89 1.56 22.69
CA ALA D 82 6.36 1.23 21.32
C ALA D 82 7.85 0.93 21.36
N TRP D 83 8.21 -0.21 20.80
CA TRP D 83 9.59 -0.65 20.57
C TRP D 83 9.96 -0.40 19.11
N THR D 84 11.17 0.10 18.88
CA THR D 84 11.78 0.22 17.55
C THR D 84 13.13 -0.49 17.65
N GLY D 85 13.41 -1.43 16.77
CA GLY D 85 14.70 -2.12 16.85
C GLY D 85 14.99 -2.99 15.65
N PHE D 86 15.91 -3.91 15.83
CA PHE D 86 16.48 -4.61 14.65
C PHE D 86 17.03 -5.91 15.16
N TYR D 87 17.03 -6.89 14.27
CA TYR D 87 17.52 -8.24 14.53
C TYR D 87 18.95 -8.32 13.96
N TYR D 88 19.87 -8.81 14.77
CA TYR D 88 21.30 -8.89 14.39
C TYR D 88 21.93 -9.85 15.38
N GLN D 89 22.69 -10.85 14.91
CA GLN D 89 23.49 -11.76 15.78
C GLN D 89 22.58 -12.41 16.81
N GLY D 90 21.40 -12.84 16.37
CA GLY D 90 20.52 -13.71 17.17
C GLY D 90 19.72 -12.98 18.21
N GLN D 91 19.69 -11.66 18.14
CA GLN D 91 18.97 -10.86 19.14
C GLN D 91 18.25 -9.72 18.46
N ILE D 92 17.18 -9.28 19.11
CA ILE D 92 16.46 -8.06 18.68
C ILE D 92 16.84 -6.98 19.68
N THR D 93 17.56 -5.99 19.18
CA THR D 93 17.96 -4.82 19.98
C THR D 93 16.93 -3.75 19.78
N THR D 94 16.39 -3.21 20.87
CA THR D 94 15.24 -2.30 20.72
C THR D 94 15.42 -1.07 21.58
N LEU D 95 14.86 0.05 21.12
CA LEU D 95 14.68 1.24 21.99
C LEU D 95 13.18 1.42 22.18
N TRP D 96 12.73 1.60 23.38
CA TRP D 96 11.27 1.71 23.61
C TRP D 96 10.91 3.08 24.19
N GLN D 97 9.66 3.47 23.92
CA GLN D 97 9.06 4.67 24.49
C GLN D 97 7.71 4.26 25.07
N LEU D 98 7.43 4.75 26.26
CA LEU D 98 6.21 4.45 27.04
C LEU D 98 5.56 5.80 27.31
N VAL D 99 4.31 5.91 26.86
CA VAL D 99 3.49 7.12 27.08
C VAL D 99 2.29 6.75 27.96
N ILE D 100 2.04 7.61 28.91
CA ILE D 100 0.90 7.50 29.88
C ILE D 100 -0.27 8.40 29.44
N ASN D 101 -1.45 7.80 29.42
CA ASN D 101 -2.73 8.51 29.20
C ASN D 101 -2.78 9.79 30.05
N GLY D 102 -3.17 10.91 29.47
CA GLY D 102 -3.26 12.19 30.20
C GLY D 102 -1.94 12.95 30.26
N SER D 103 -0.90 12.49 29.57
CA SER D 103 0.39 13.20 29.52
C SER D 103 0.22 14.58 28.83
N THR D 104 1.02 15.54 29.26
CA THR D 104 0.95 16.94 28.77
C THR D 104 2.33 17.38 28.26
N SER D 105 3.35 16.56 28.44
CA SER D 105 4.74 16.91 28.08
C SER D 105 5.47 15.65 27.58
N THR D 106 6.28 15.79 26.54
CA THR D 106 7.14 14.68 26.06
C THR D 106 8.16 14.31 27.13
N GLY D 107 8.46 15.24 28.06
CA GLY D 107 9.26 14.96 29.26
C GLY D 107 8.73 13.78 30.07
N GLN D 108 7.44 13.46 29.94
CA GLN D 108 6.74 12.42 30.74
C GLN D 108 6.89 11.06 30.06
N ILE D 109 7.36 11.05 28.84
CA ILE D 109 7.49 9.78 28.07
C ILE D 109 8.74 9.09 28.60
N ILE D 110 8.59 7.83 28.95
CA ILE D 110 9.65 7.03 29.60
C ILE D 110 10.33 6.25 28.49
N SER D 111 11.65 6.07 28.57
CA SER D 111 12.35 5.36 27.47
C SER D 111 13.37 4.41 28.05
N GLY D 112 13.78 3.46 27.22
CA GLY D 112 14.81 2.51 27.64
C GLY D 112 15.22 1.63 26.47
N GLU D 113 16.07 0.65 26.75
CA GLU D 113 16.56 -0.29 25.72
C GLU D 113 16.27 -1.69 26.22
N ASP D 114 15.70 -2.50 25.36
CA ASP D 114 15.47 -3.94 25.62
C ASP D 114 16.19 -4.75 24.55
N ILE D 115 16.85 -5.82 25.00
CA ILE D 115 17.44 -6.82 24.11
C ILE D 115 16.65 -8.12 24.27
N PHE D 116 16.14 -8.62 23.17
CA PHE D 116 15.27 -9.83 23.14
C PHE D 116 16.01 -10.96 22.46
N LYS D 117 15.94 -12.16 23.03
CA LYS D 117 16.57 -13.35 22.46
C LYS D 117 15.55 -14.46 22.36
N PRO D 118 15.75 -15.41 21.41
CA PRO D 118 14.78 -16.48 21.26
C PRO D 118 14.59 -17.26 22.55
N SER D 119 13.33 -17.57 22.87
CA SER D 119 12.99 -18.31 24.10
C SER D 119 11.94 -19.36 23.78
C11 BTN E . -12.42 -7.24 -5.29
O11 BTN E . -13.50 -7.15 -4.81
O12 BTN E . -12.05 -8.22 -6.04
C10 BTN E . -11.61 -6.05 -4.93
C9 BTN E . -12.22 -4.67 -5.28
C8 BTN E . -12.93 -4.57 -6.59
C7 BTN E . -13.67 -3.22 -6.64
C2 BTN E . -14.37 -2.88 -7.98
S1 BTN E . -13.16 -2.33 -9.23
C6 BTN E . -14.52 -2.04 -10.36
C5 BTN E . -15.61 -1.36 -9.49
N1 BTN E . -15.44 0.08 -9.41
C3 BTN E . -15.28 0.46 -8.09
O3 BTN E . -15.31 1.58 -7.62
N2 BTN E . -15.18 -0.62 -7.28
C4 BTN E . -15.47 -1.85 -8.05
O1 PG4 F . -19.71 -10.99 -9.71
C1 PG4 F . -20.61 -10.26 -8.91
C2 PG4 F . -19.98 -9.72 -7.66
O2 PG4 F . -19.97 -8.30 -7.70
C3 PG4 F . -19.92 -7.67 -6.43
C4 PG4 F . -21.12 -6.73 -6.24
O3 PG4 F . -22.06 -7.18 -5.26
C5 PG4 F . -21.54 -8.02 -4.22
C6 PG4 F . -22.52 -8.22 -3.05
O4 PG4 F . -21.85 -8.52 -1.82
C7 PG4 F . -21.14 -9.77 -1.80
C8 PG4 F . -20.66 -10.15 -0.38
O5 PG4 F . -20.09 -11.47 -0.30
C1 PGE G . -17.21 -10.31 -2.32
O1 PGE G . -17.61 -9.28 -3.19
C2 PGE G . -16.69 -9.76 -1.01
O2 PGE G . -15.88 -10.75 -0.40
C3 PGE G . -14.47 -10.44 -0.41
C4 PGE G . -13.92 -10.77 0.95
O4 PGE G . -9.65 -12.33 2.28
C6 PGE G . -10.84 -12.47 1.53
C5 PGE G . -11.94 -11.57 1.98
O3 PGE G . -12.53 -10.98 0.82
C11 BTN H . 13.43 7.03 5.25
O11 BTN H . 14.77 7.21 5.48
O12 BTN H . 13.05 5.98 5.52
C10 BTN H . 12.24 7.71 4.58
C9 BTN H . 10.65 7.84 5.15
C8 BTN H . 10.56 8.50 6.52
C7 BTN H . 9.80 9.74 6.94
C2 BTN H . 9.97 10.29 8.36
S1 BTN H . 9.00 9.34 9.59
C6 BTN H . 9.31 10.51 10.90
C5 BTN H . 9.29 11.87 10.22
N1 BTN H . 7.95 12.36 10.25
C3 BTN H . 7.48 12.68 9.02
O3 BTN H . 6.49 13.34 8.74
N2 BTN H . 8.35 12.26 8.09
C4 BTN H . 9.57 11.72 8.72
C1 EDO I . 3.77 -4.50 -1.74
O1 EDO I . 3.06 -4.66 -0.51
C2 EDO I . 5.14 -3.95 -1.60
O2 EDO I . 6.16 -4.89 -1.95
C1 EDO J . 13.02 -6.35 1.58
O1 EDO J . 13.87 -5.33 1.00
C2 EDO J . 13.31 -6.75 2.99
O2 EDO J . 14.45 -7.65 3.19
C1 PEG K . 17.07 15.57 5.76
O1 PEG K . 16.80 16.94 6.00
C2 PEG K . 16.51 14.70 6.82
O2 PEG K . 16.56 13.34 6.39
C3 PEG K . 16.93 12.43 7.43
C4 PEG K . 18.31 11.89 7.21
O4 PEG K . 19.11 11.95 8.40
C11 BTN L . -4.31 1.66 -32.85
O11 BTN L . -5.13 2.48 -32.34
O12 BTN L . -4.56 1.07 -33.89
C10 BTN L . -2.96 1.26 -32.27
C9 BTN L . -2.66 -0.27 -32.36
C8 BTN L . -3.66 -1.18 -31.70
C7 BTN L . -3.30 -2.67 -31.64
C2 BTN L . -4.43 -3.49 -31.08
S1 BTN L . -4.36 -3.47 -29.32
C6 BTN L . -5.55 -4.92 -29.19
C5 BTN L . -5.19 -5.79 -30.35
N1 BTN L . -4.08 -6.63 -29.94
C3 BTN L . -2.95 -6.58 -30.72
O3 BTN L . -1.88 -7.35 -30.72
N2 BTN L . -3.20 -5.60 -31.57
C4 BTN L . -4.50 -4.95 -31.41
O22 P33 M . 7.07 -16.43 -15.29
C21 P33 M . 6.25 -16.45 -16.46
C20 P33 M . 5.33 -17.67 -16.36
O19 P33 M . 4.09 -17.23 -15.82
C18 P33 M . 3.49 -18.30 -15.10
C17 P33 M . 2.59 -17.82 -13.96
O16 P33 M . 3.35 -17.54 -12.78
C15 P33 M . 2.72 -16.93 -11.63
C14 P33 M . 3.69 -16.14 -10.72
O13 P33 M . 3.63 -14.70 -10.57
C12 P33 M . 4.91 -13.91 -10.69
C11 P33 M . 5.61 -13.96 -12.07
O10 P33 M . 6.49 -12.86 -12.60
C9 P33 M . 6.21 -12.25 -13.88
C8 P33 M . 6.54 -12.74 -15.34
O7 P33 M . 5.31 -13.39 -15.94
C6 P33 M . 4.56 -12.86 -17.04
C5 P33 M . 3.21 -13.58 -17.21
O4 P33 M . 2.33 -13.26 -16.06
C3 P33 M . 1.00 -13.77 -16.23
C2 P33 M . 0.41 -13.78 -14.86
O1 P33 M . 1.36 -14.37 -13.91
NA NA N . 4.09 -14.72 -14.05
C11 BTN O . 3.27 0.23 32.76
O11 BTN O . 4.00 0.06 33.65
O12 BTN O . 2.70 1.36 32.60
C10 BTN O . 2.93 -1.04 32.04
C9 BTN O . 4.04 -2.08 31.74
C8 BTN O . 5.37 -1.59 31.41
C7 BTN O . 6.43 -2.55 31.00
C2 BTN O . 7.64 -1.82 30.38
S1 BTN O . 7.40 -1.58 28.59
C6 BTN O . 9.14 -1.21 28.32
C5 BTN O . 9.88 -2.14 29.30
N1 BTN O . 10.15 -3.46 28.75
C3 BTN O . 9.53 -4.50 29.45
O3 BTN O . 9.80 -5.72 29.38
N2 BTN O . 8.74 -4.00 30.39
C4 BTN O . 8.93 -2.52 30.45
C1 PEG P . -10.69 7.80 27.84
O1 PEG P . -11.39 8.31 26.73
C2 PEG P . -11.33 6.56 28.46
O2 PEG P . -10.39 5.70 29.13
C3 PEG P . -9.17 6.33 29.52
C4 PEG P . -9.44 7.51 30.44
O4 PEG P . -9.01 8.76 29.90
O22 P33 Q . 13.18 -14.14 12.84
C21 P33 Q . 14.41 -14.37 12.21
C20 P33 Q . 15.44 -13.24 12.01
O19 P33 Q . 15.21 -12.34 10.87
C18 P33 Q . 14.68 -12.88 9.66
C17 P33 Q . 14.60 -11.80 8.63
O16 P33 Q . 13.53 -12.25 7.77
C15 P33 Q . 12.50 -11.28 7.66
C14 P33 Q . 11.11 -11.79 7.50
O13 P33 Q . 10.65 -12.33 8.73
C12 P33 Q . 9.22 -12.38 8.73
C11 P33 Q . 8.89 -13.51 9.70
O10 P33 Q . 9.01 -12.87 10.97
C9 P33 Q . 8.89 -13.87 12.01
C8 P33 Q . 9.02 -13.20 13.36
O7 P33 Q . 10.27 -12.48 13.38
C6 P33 Q . 10.35 -11.74 14.58
C5 P33 Q . 11.73 -11.12 14.67
O4 P33 Q . 11.78 -10.13 13.64
C3 P33 Q . 12.92 -9.31 13.82
C2 P33 Q . 13.12 -8.68 12.48
O1 P33 Q . 13.10 -9.55 11.34
NA NA R . 11.86 -12.10 11.13
#